data_5MGR
#
_entry.id   5MGR
#
_cell.length_a   68.241
_cell.length_b   68.241
_cell.length_c   127.195
_cell.angle_alpha   90.00
_cell.angle_beta   90.00
_cell.angle_gamma   120.00
#
_symmetry.space_group_name_H-M   'P 31 2 1'
#
loop_
_entity.id
_entity.type
_entity.pdbx_description
1 polymer 'Killer cell lectin-like receptor subfamily B member 1'
2 branched alpha-D-mannopyranose-(1-3)-[alpha-D-mannopyranose-(1-6)]alpha-D-mannopyranose-(1-6)-[alpha-D-mannopyranose-(1-3)]beta-D-mannopyranose-(1-4)-2-acetamido-2-deoxy-beta-D-glucopyranose-(1-4)-2-acetamido-2-deoxy-beta-D-glucopyranose
3 branched alpha-D-mannopyranose-(1-3)-[alpha-D-mannopyranose-(1-6)]beta-D-mannopyranose-(1-4)-2-acetamido-2-deoxy-beta-D-glucopyranose-(1-4)-2-acetamido-2-deoxy-beta-D-glucopyranose
4 non-polymer 2-acetamido-2-deoxy-beta-D-glucopyranose
5 water water
#
_entity_poly.entity_id   1
_entity_poly.type   'polypeptide(L)'
_entity_poly.pdbx_seq_one_letter_code
;ETGGLLNCPIYWQQLREKCLLFSHTVNPWNNSLADCSTKESSLLLIRDKDELIHTQNLIRDKAILFWIGLNFSLSEKNWK
WINGSFLNSNDLEIRGDAKENSCISISQTSVYSEYCSTEIRWICQKELTPVRNKVYPDSKHHHHHH
;
_entity_poly.pdbx_strand_id   A,B
#
# COMPACT_ATOMS: atom_id res chain seq x y z
N GLY A 4 -22.69 8.05 -3.20
CA GLY A 4 -24.11 8.47 -2.90
C GLY A 4 -24.34 9.94 -3.20
N LEU A 5 -24.55 10.74 -2.14
CA LEU A 5 -24.91 12.17 -2.30
C LEU A 5 -23.72 12.98 -2.83
N LEU A 6 -22.61 12.81 -2.14
CA LEU A 6 -21.39 13.53 -2.45
C LEU A 6 -20.36 12.53 -2.99
N ASN A 7 -19.20 13.03 -3.36
CA ASN A 7 -18.20 12.18 -4.06
C ASN A 7 -17.39 11.18 -3.13
N CYS A 8 -17.10 11.57 -1.91
CA CYS A 8 -16.16 10.82 -1.06
C CYS A 8 -16.83 9.96 0.00
N PRO A 9 -16.18 8.88 0.47
CA PRO A 9 -16.72 8.09 1.60
C PRO A 9 -16.92 8.95 2.85
N ILE A 10 -17.77 8.51 3.74
CA ILE A 10 -17.94 9.21 5.01
C ILE A 10 -16.62 9.33 5.76
N TYR A 11 -16.39 10.50 6.35
CA TYR A 11 -15.19 10.86 7.08
C TYR A 11 -14.03 11.34 6.18
N TRP A 12 -14.16 11.22 4.86
CA TRP A 12 -13.09 11.65 3.95
C TRP A 12 -13.39 13.07 3.48
N GLN A 13 -12.36 13.87 3.25
CA GLN A 13 -12.52 15.24 2.80
CA GLN A 13 -12.51 15.25 2.79
C GLN A 13 -12.22 15.33 1.30
N GLN A 14 -13.16 15.88 0.54
CA GLN A 14 -12.86 16.13 -0.85
C GLN A 14 -11.96 17.31 -1.04
N LEU A 15 -11.02 17.20 -1.96
CA LEU A 15 -10.18 18.33 -2.38
C LEU A 15 -9.96 18.22 -3.86
N ARG A 16 -10.61 19.10 -4.63
CA ARG A 16 -10.53 19.07 -6.09
C ARG A 16 -10.98 17.67 -6.53
N GLU A 17 -10.12 16.91 -7.19
CA GLU A 17 -10.56 15.63 -7.73
C GLU A 17 -10.07 14.45 -6.88
N LYS A 18 -9.84 14.66 -5.61
CA LYS A 18 -9.49 13.60 -4.69
C LYS A 18 -10.30 13.60 -3.45
N CYS A 19 -10.33 12.45 -2.78
CA CYS A 19 -10.82 12.29 -1.42
C CYS A 19 -9.65 12.01 -0.54
N LEU A 20 -9.55 12.70 0.60
CA LEU A 20 -8.41 12.59 1.56
C LEU A 20 -8.86 12.14 2.91
N LEU A 21 -8.07 11.28 3.55
CA LEU A 21 -8.30 10.84 4.90
C LEU A 21 -7.07 11.15 5.70
N PHE A 22 -7.26 11.96 6.73
CA PHE A 22 -6.17 12.30 7.64
C PHE A 22 -6.29 11.39 8.82
N SER A 23 -5.22 10.69 9.16
CA SER A 23 -5.32 9.70 10.23
C SER A 23 -5.41 10.38 11.63
N HIS A 24 -6.00 9.68 12.59
CA HIS A 24 -6.05 10.20 13.97
C HIS A 24 -5.04 9.51 14.87
N THR A 25 -4.42 8.44 14.42
CA THR A 25 -3.40 7.76 15.17
C THR A 25 -2.07 7.85 14.38
N VAL A 26 -0.99 7.30 14.97
CA VAL A 26 0.32 7.42 14.37
C VAL A 26 0.90 6.08 13.96
N ASN A 27 1.88 6.12 13.08
CA ASN A 27 2.54 4.93 12.57
C ASN A 27 3.82 5.31 11.92
N PRO A 28 4.76 4.35 11.82
CA PRO A 28 5.88 4.52 10.92
C PRO A 28 5.39 4.47 9.49
N TRP A 29 6.26 4.81 8.58
CA TRP A 29 5.83 5.03 7.19
C TRP A 29 5.30 3.73 6.59
N ASN A 30 5.99 2.61 6.82
CA ASN A 30 5.55 1.35 6.18
C ASN A 30 4.18 0.90 6.65
N ASN A 31 3.87 1.08 7.93
CA ASN A 31 2.54 0.79 8.44
C ASN A 31 1.50 1.74 7.88
N SER A 32 1.87 2.99 7.65
CA SER A 32 0.97 3.96 7.04
C SER A 32 0.59 3.57 5.62
N LEU A 33 1.57 3.13 4.87
CA LEU A 33 1.28 2.56 3.55
C LEU A 33 0.35 1.38 3.61
N ALA A 34 0.56 0.49 4.58
CA ALA A 34 -0.29 -0.68 4.77
C ALA A 34 -1.69 -0.30 5.11
N ASP A 35 -1.85 0.76 5.89
CA ASP A 35 -3.20 1.24 6.22
C ASP A 35 -3.91 1.80 5.00
N CYS A 36 -3.22 2.62 4.18
CA CYS A 36 -3.89 3.16 3.00
C CYS A 36 -4.30 2.01 2.09
N SER A 37 -3.37 1.09 1.87
CA SER A 37 -3.68 -0.11 1.03
C SER A 37 -4.88 -0.90 1.60
N THR A 38 -4.95 -1.07 2.93
CA THR A 38 -6.10 -1.71 3.57
C THR A 38 -7.42 -0.99 3.32
N LYS A 39 -7.34 0.33 3.30
CA LYS A 39 -8.46 1.21 2.95
C LYS A 39 -8.61 1.41 1.46
N GLU A 40 -7.96 0.58 0.62
CA GLU A 40 -8.14 0.66 -0.82
C GLU A 40 -7.86 2.05 -1.31
N SER A 41 -6.67 2.53 -0.97
CA SER A 41 -6.30 3.90 -1.18
C SER A 41 -4.77 4.02 -1.29
N SER A 42 -4.32 5.16 -1.73
CA SER A 42 -2.90 5.47 -1.87
C SER A 42 -2.47 6.44 -0.73
N LEU A 43 -1.25 6.30 -0.27
CA LEU A 43 -0.66 7.47 0.46
C LEU A 43 -0.72 8.68 -0.40
N LEU A 44 -0.82 9.84 0.21
CA LEU A 44 -1.04 11.08 -0.58
C LEU A 44 0.08 11.30 -1.60
N LEU A 45 -0.31 11.70 -2.80
CA LEU A 45 0.57 12.11 -3.86
C LEU A 45 0.31 13.59 -4.08
N ILE A 46 1.36 14.35 -4.38
CA ILE A 46 1.25 15.81 -4.47
C ILE A 46 1.89 16.22 -5.79
N ARG A 47 1.11 16.83 -6.65
CA ARG A 47 1.53 17.12 -8.04
C ARG A 47 2.41 18.35 -8.11
N ASP A 48 2.04 19.38 -7.34
CA ASP A 48 2.71 20.66 -7.46
C ASP A 48 2.45 21.53 -6.26
N LYS A 49 3.02 22.72 -6.29
CA LYS A 49 2.91 23.60 -5.15
C LYS A 49 1.44 23.96 -4.86
N ASP A 50 0.65 24.16 -5.93
CA ASP A 50 -0.75 24.43 -5.81
C ASP A 50 -1.46 23.33 -5.02
N GLU A 51 -1.22 22.08 -5.37
CA GLU A 51 -1.87 21.01 -4.63
C GLU A 51 -1.40 20.99 -3.16
N LEU A 52 -0.10 21.20 -2.91
CA LEU A 52 0.43 21.22 -1.59
C LEU A 52 -0.25 22.26 -0.72
N ILE A 53 -0.34 23.48 -1.21
CA ILE A 53 -0.94 24.59 -0.46
CA ILE A 53 -0.92 24.56 -0.42
C ILE A 53 -2.40 24.31 -0.15
N HIS A 54 -3.14 23.81 -1.14
CA HIS A 54 -4.55 23.51 -0.88
C HIS A 54 -4.77 22.37 0.08
N THR A 55 -3.87 21.38 0.09
CA THR A 55 -3.94 20.31 1.05
C THR A 55 -3.58 20.83 2.44
N GLN A 56 -2.49 21.59 2.54
CA GLN A 56 -2.09 22.14 3.80
C GLN A 56 -3.19 23.04 4.37
N ASN A 57 -3.95 23.71 3.52
CA ASN A 57 -5.06 24.58 3.96
CA ASN A 57 -5.03 24.58 3.99
C ASN A 57 -6.18 23.83 4.70
N LEU A 58 -6.20 22.48 4.61
CA LEU A 58 -7.17 21.70 5.36
C LEU A 58 -6.77 21.47 6.81
N ILE A 59 -5.48 21.71 7.13
CA ILE A 59 -4.92 21.35 8.40
C ILE A 59 -5.02 22.57 9.33
N ARG A 60 -5.53 22.34 10.53
CA ARG A 60 -5.68 23.42 11.51
C ARG A 60 -4.43 23.54 12.38
N ASP A 61 -4.00 22.45 12.95
CA ASP A 61 -2.87 22.43 13.88
C ASP A 61 -1.58 22.48 13.08
N LYS A 62 -0.84 23.60 13.18
CA LYS A 62 0.38 23.80 12.39
C LYS A 62 1.54 22.91 12.74
N ALA A 63 1.50 22.26 13.89
CA ALA A 63 2.64 21.46 14.34
C ALA A 63 2.63 20.01 13.85
N ILE A 64 1.46 19.51 13.50
CA ILE A 64 1.28 18.06 13.29
C ILE A 64 1.87 17.63 11.94
N LEU A 65 2.58 16.51 11.93
CA LEU A 65 3.20 15.99 10.71
C LEU A 65 2.36 14.81 10.17
N PHE A 66 2.37 14.67 8.83
CA PHE A 66 1.66 13.58 8.15
C PHE A 66 2.51 12.96 7.06
N TRP A 67 2.64 11.62 7.09
CA TRP A 67 3.33 10.93 6.02
C TRP A 67 2.60 11.11 4.70
N ILE A 68 3.37 11.22 3.63
CA ILE A 68 2.79 11.17 2.29
C ILE A 68 3.52 10.03 1.54
N GLY A 69 3.13 9.79 0.29
CA GLY A 69 3.59 8.59 -0.42
C GLY A 69 4.88 8.81 -1.20
N LEU A 70 5.88 9.27 -0.50
CA LEU A 70 7.14 9.60 -1.09
C LEU A 70 8.24 9.17 -0.14
N ASN A 71 9.18 8.37 -0.63
CA ASN A 71 10.35 8.03 0.20
C ASN A 71 11.62 7.90 -0.58
N PHE A 72 12.75 7.75 0.15
CA PHE A 72 14.04 7.77 -0.55
C PHE A 72 14.41 6.39 -0.99
N SER A 73 14.63 6.22 -2.28
CA SER A 73 15.09 4.96 -2.83
C SER A 73 16.66 4.99 -2.83
N LEU A 74 17.30 4.30 -1.90
CA LEU A 74 18.78 4.36 -1.76
C LEU A 74 19.50 3.91 -3.04
N SER A 75 19.09 2.80 -3.63
CA SER A 75 19.71 2.31 -4.87
C SER A 75 19.67 3.32 -6.02
N GLU A 76 18.54 4.03 -6.17
CA GLU A 76 18.36 4.99 -7.25
C GLU A 76 18.75 6.39 -6.83
N LYS A 77 19.09 6.58 -5.54
CA LYS A 77 19.62 7.83 -5.03
C LYS A 77 18.68 9.01 -5.25
N ASN A 78 17.38 8.79 -5.08
CA ASN A 78 16.45 9.87 -5.28
C ASN A 78 15.11 9.56 -4.60
N TRP A 79 14.33 10.60 -4.38
CA TRP A 79 12.94 10.46 -3.84
C TRP A 79 12.02 9.82 -4.86
N LYS A 80 11.25 8.82 -4.43
CA LYS A 80 10.40 8.09 -5.35
C LYS A 80 8.98 8.02 -4.78
N TRP A 81 7.99 8.41 -5.58
CA TRP A 81 6.58 8.27 -5.22
C TRP A 81 6.21 6.81 -5.22
N ILE A 82 5.21 6.42 -4.41
CA ILE A 82 4.83 5.02 -4.37
C ILE A 82 4.21 4.54 -5.67
N ASN A 83 3.83 5.45 -6.54
CA ASN A 83 3.29 5.08 -7.83
C ASN A 83 4.38 4.73 -8.85
N GLY A 84 5.63 4.75 -8.41
CA GLY A 84 6.76 4.39 -9.27
C GLY A 84 7.51 5.49 -9.95
N SER A 85 7.05 6.73 -9.85
CA SER A 85 7.72 7.88 -10.42
C SER A 85 8.70 8.55 -9.50
N PHE A 86 9.85 8.96 -10.05
CA PHE A 86 10.73 9.78 -9.28
C PHE A 86 10.26 11.21 -9.16
N LEU A 87 10.63 11.82 -8.04
CA LEU A 87 10.24 13.23 -7.77
C LEU A 87 10.83 14.10 -8.82
N ASN A 88 10.00 14.91 -9.47
CA ASN A 88 10.44 15.57 -10.72
C ASN A 88 10.74 17.06 -10.61
N SER A 89 10.69 17.62 -9.40
CA SER A 89 10.95 19.05 -9.28
C SER A 89 11.37 19.32 -7.90
N ASN A 90 11.58 20.59 -7.62
CA ASN A 90 11.83 21.04 -6.28
C ASN A 90 10.62 21.86 -5.77
N ASP A 91 9.42 21.64 -6.36
CA ASP A 91 8.16 22.30 -5.91
C ASP A 91 7.82 22.08 -4.44
N LEU A 92 8.19 20.90 -3.91
CA LEU A 92 7.86 20.58 -2.53
C LEU A 92 8.86 21.15 -1.57
N GLU A 93 10.04 21.51 -2.07
CA GLU A 93 11.01 22.09 -1.21
C GLU A 93 11.18 21.27 0.09
N ILE A 94 11.61 20.04 -0.08
CA ILE A 94 11.83 19.19 1.06
C ILE A 94 12.92 19.80 1.97
N ARG A 95 12.60 19.95 3.26
CA ARG A 95 13.56 20.27 4.33
C ARG A 95 14.16 19.05 5.01
N GLY A 96 15.48 18.98 5.05
CA GLY A 96 16.18 17.86 5.71
C GLY A 96 16.90 16.98 4.72
N ASP A 97 17.44 15.87 5.21
CA ASP A 97 18.39 15.05 4.44
C ASP A 97 17.76 14.00 3.50
N ALA A 98 18.28 13.97 2.29
CA ALA A 98 17.96 12.93 1.34
C ALA A 98 18.90 11.78 1.61
N LYS A 99 18.47 10.84 2.45
CA LYS A 99 19.29 9.66 2.70
C LYS A 99 18.49 8.42 2.99
N GLU A 100 19.24 7.34 3.15
CA GLU A 100 18.66 6.05 3.41
C GLU A 100 17.67 6.07 4.55
N ASN A 101 16.58 5.32 4.40
CA ASN A 101 15.54 5.20 5.40
C ASN A 101 14.89 6.49 5.78
N SER A 102 14.83 7.41 4.81
CA SER A 102 14.08 8.65 4.96
C SER A 102 12.79 8.61 4.10
N CYS A 103 11.77 9.30 4.62
CA CYS A 103 10.41 9.32 4.05
C CYS A 103 9.94 10.75 4.19
N ILE A 104 8.97 11.16 3.35
CA ILE A 104 8.51 12.59 3.36
C ILE A 104 7.23 12.77 4.12
N SER A 105 7.20 13.80 4.97
CA SER A 105 6.02 14.20 5.72
C SER A 105 5.70 15.64 5.38
N ILE A 106 4.47 16.04 5.64
CA ILE A 106 4.06 17.42 5.48
C ILE A 106 3.42 17.91 6.77
N SER A 107 3.53 19.23 7.01
CA SER A 107 2.74 19.91 7.98
C SER A 107 1.95 20.95 7.23
N GLN A 108 1.22 21.76 7.98
CA GLN A 108 0.51 22.84 7.38
C GLN A 108 1.43 23.85 6.71
N THR A 109 2.68 23.94 7.20
CA THR A 109 3.61 25.01 6.74
C THR A 109 4.75 24.48 5.88
N SER A 110 5.08 23.21 6.01
CA SER A 110 6.39 22.70 5.50
C SER A 110 6.35 21.28 4.96
N VAL A 111 7.43 20.89 4.30
CA VAL A 111 7.64 19.50 3.83
C VAL A 111 8.97 19.00 4.38
N TYR A 112 8.97 17.86 5.06
CA TYR A 112 10.16 17.40 5.77
C TYR A 112 10.59 16.01 5.38
N SER A 113 11.89 15.81 5.23
CA SER A 113 12.47 14.47 5.34
C SER A 113 12.56 14.06 6.77
N GLU A 114 12.06 12.87 7.07
CA GLU A 114 11.98 12.34 8.41
C GLU A 114 12.44 10.88 8.32
N TYR A 115 12.99 10.32 9.40
CA TYR A 115 13.29 8.91 9.35
C TYR A 115 11.99 8.11 9.25
N CYS A 116 12.02 7.07 8.39
CA CYS A 116 10.83 6.25 8.14
C CYS A 116 10.24 5.58 9.36
N SER A 117 11.06 5.27 10.36
CA SER A 117 10.55 4.73 11.60
C SER A 117 9.82 5.69 12.51
N THR A 118 9.89 7.00 12.26
CA THR A 118 9.22 7.97 13.08
C THR A 118 7.72 7.72 13.06
N GLU A 119 7.10 7.77 14.21
CA GLU A 119 5.67 7.54 14.32
C GLU A 119 4.87 8.82 14.25
N ILE A 120 4.19 9.06 13.10
CA ILE A 120 3.39 10.24 12.91
C ILE A 120 2.10 9.85 12.15
N ARG A 121 1.23 10.81 11.96
CA ARG A 121 -0.03 10.58 11.26
C ARG A 121 0.29 10.45 9.78
N TRP A 122 -0.75 10.16 8.98
CA TRP A 122 -0.54 9.96 7.54
C TRP A 122 -1.79 10.34 6.81
N ILE A 123 -1.67 10.60 5.50
CA ILE A 123 -2.84 10.98 4.71
C ILE A 123 -2.99 9.94 3.59
N CYS A 124 -4.20 9.39 3.48
CA CYS A 124 -4.56 8.54 2.34
C CYS A 124 -5.41 9.32 1.35
N GLN A 125 -5.39 8.85 0.09
CA GLN A 125 -6.22 9.47 -0.95
C GLN A 125 -6.88 8.43 -1.83
N LYS A 126 -7.99 8.85 -2.39
CA LYS A 126 -8.72 8.10 -3.43
C LYS A 126 -9.06 9.11 -4.50
N GLU A 127 -8.79 8.77 -5.76
CA GLU A 127 -9.04 9.68 -6.89
C GLU A 127 -10.47 9.62 -7.36
N LEU A 128 -11.06 10.78 -7.65
CA LEU A 128 -12.43 10.82 -8.21
C LEU A 128 -12.41 10.63 -9.76
N GLY B 4 -20.46 0.35 -15.83
CA GLY B 4 -20.77 -0.53 -14.68
C GLY B 4 -21.72 -1.65 -15.04
N LEU B 5 -21.44 -2.34 -16.14
CA LEU B 5 -22.18 -3.60 -16.50
C LEU B 5 -21.86 -4.69 -15.47
N LEU B 6 -20.56 -4.92 -15.29
CA LEU B 6 -20.09 -5.93 -14.35
C LEU B 6 -19.47 -5.30 -13.10
N ASN B 7 -19.24 -6.11 -12.11
CA ASN B 7 -18.75 -5.58 -10.82
C ASN B 7 -17.34 -5.05 -10.77
N CYS B 8 -16.43 -5.62 -11.54
CA CYS B 8 -15.02 -5.33 -11.43
C CYS B 8 -14.48 -4.41 -12.51
N PRO B 9 -13.44 -3.63 -12.23
CA PRO B 9 -12.86 -2.84 -13.34
C PRO B 9 -12.28 -3.70 -14.45
N ILE B 10 -12.13 -3.15 -15.62
CA ILE B 10 -11.53 -3.90 -16.73
C ILE B 10 -10.14 -4.39 -16.31
N TYR B 11 -9.78 -5.60 -16.70
CA TYR B 11 -8.55 -6.31 -16.36
C TYR B 11 -8.60 -7.01 -15.04
N TRP B 12 -9.54 -6.67 -14.17
CA TRP B 12 -9.66 -7.34 -12.90
C TRP B 12 -10.64 -8.54 -13.07
N GLN B 13 -10.38 -9.55 -12.30
CA GLN B 13 -11.18 -10.81 -12.25
CA GLN B 13 -11.15 -10.77 -12.27
C GLN B 13 -12.01 -10.83 -11.00
N GLN B 14 -13.32 -10.96 -11.12
CA GLN B 14 -14.10 -11.16 -9.94
C GLN B 14 -13.91 -12.55 -9.34
N LEU B 15 -13.84 -12.65 -8.00
CA LEU B 15 -13.88 -13.95 -7.36
C LEU B 15 -14.74 -13.76 -6.16
N ARG B 16 -15.94 -14.31 -6.22
CA ARG B 16 -16.95 -14.15 -5.12
C ARG B 16 -17.14 -12.67 -4.80
N GLU B 17 -16.79 -12.21 -3.61
CA GLU B 17 -17.05 -10.85 -3.28
C GLU B 17 -15.81 -9.97 -3.37
N LYS B 18 -14.84 -10.34 -4.21
CA LYS B 18 -13.69 -9.48 -4.44
C LYS B 18 -13.43 -9.30 -5.92
N CYS B 19 -12.74 -8.23 -6.25
CA CYS B 19 -12.12 -8.08 -7.55
C CYS B 19 -10.63 -8.31 -7.37
N LEU B 20 -10.02 -9.13 -8.21
CA LEU B 20 -8.58 -9.44 -8.09
C LEU B 20 -7.83 -9.02 -9.33
N LEU B 21 -6.58 -8.56 -9.12
CA LEU B 21 -5.68 -8.22 -10.20
C LEU B 21 -4.39 -9.01 -10.01
N PHE B 22 -4.10 -9.89 -10.97
CA PHE B 22 -2.81 -10.63 -10.98
C PHE B 22 -1.82 -9.87 -11.83
N SER B 23 -0.64 -9.56 -11.29
CA SER B 23 0.26 -8.65 -11.98
C SER B 23 0.91 -9.43 -13.14
N HIS B 24 1.38 -8.73 -14.15
CA HIS B 24 2.14 -9.39 -15.24
CA HIS B 24 2.14 -9.36 -15.27
C HIS B 24 3.64 -9.06 -15.17
N THR B 25 4.04 -8.18 -14.24
CA THR B 25 5.45 -7.90 -14.00
C THR B 25 5.78 -8.36 -12.59
N VAL B 26 7.07 -8.30 -12.25
CA VAL B 26 7.55 -8.73 -10.92
C VAL B 26 8.06 -7.61 -10.09
N ASN B 27 8.17 -7.84 -8.78
CA ASN B 27 8.60 -6.85 -7.84
C ASN B 27 8.93 -7.55 -6.53
N PRO B 28 9.82 -6.96 -5.74
CA PRO B 28 9.91 -7.38 -4.34
C PRO B 28 8.64 -7.01 -3.59
N TRP B 29 8.48 -7.52 -2.37
CA TRP B 29 7.19 -7.41 -1.71
C TRP B 29 6.80 -5.98 -1.42
N ASN B 30 7.74 -5.16 -0.95
CA ASN B 30 7.39 -3.76 -0.63
C ASN B 30 6.87 -2.98 -1.83
N ASN B 31 7.46 -3.22 -2.98
CA ASN B 31 7.02 -2.53 -4.18
C ASN B 31 5.67 -3.04 -4.62
N SER B 32 5.37 -4.30 -4.36
CA SER B 32 4.06 -4.88 -4.69
C SER B 32 2.98 -4.20 -3.80
N LEU B 33 3.27 -4.03 -2.54
CA LEU B 33 2.35 -3.27 -1.66
C LEU B 33 2.14 -1.85 -2.19
N ALA B 34 3.20 -1.20 -2.61
CA ALA B 34 3.10 0.16 -3.15
C ALA B 34 2.26 0.18 -4.41
N ASP B 35 2.36 -0.88 -5.23
CA ASP B 35 1.53 -0.98 -6.46
C ASP B 35 0.05 -1.15 -6.12
N CYS B 36 -0.26 -2.00 -5.17
CA CYS B 36 -1.67 -2.19 -4.83
C CYS B 36 -2.21 -0.90 -4.28
N SER B 37 -1.43 -0.23 -3.44
CA SER B 37 -1.89 1.03 -2.88
C SER B 37 -2.11 2.09 -3.96
N THR B 38 -1.21 2.12 -4.96
CA THR B 38 -1.38 3.03 -6.08
C THR B 38 -2.65 2.74 -6.89
N LYS B 39 -2.98 1.48 -6.96
CA LYS B 39 -4.21 0.99 -7.62
C LYS B 39 -5.42 1.07 -6.70
N GLU B 40 -5.28 1.75 -5.56
CA GLU B 40 -6.38 1.90 -4.57
C GLU B 40 -6.95 0.52 -4.19
N SER B 41 -6.05 -0.34 -3.71
CA SER B 41 -6.36 -1.72 -3.45
C SER B 41 -5.39 -2.26 -2.41
N SER B 42 -5.76 -3.41 -1.86
CA SER B 42 -4.94 -4.14 -0.91
C SER B 42 -4.19 -5.30 -1.59
N LEU B 43 -3.01 -5.63 -1.11
CA LEU B 43 -2.46 -6.96 -1.45
C LEU B 43 -3.46 -8.00 -0.98
N LEU B 44 -3.47 -9.13 -1.64
CA LEU B 44 -4.49 -10.14 -1.38
C LEU B 44 -4.50 -10.57 0.07
N LEU B 45 -5.68 -10.64 0.64
CA LEU B 45 -5.96 -11.23 1.94
C LEU B 45 -6.72 -12.56 1.69
N ILE B 46 -6.37 -13.58 2.49
CA ILE B 46 -7.00 -14.93 2.35
C ILE B 46 -7.60 -15.38 3.64
N ARG B 47 -8.91 -15.60 3.68
CA ARG B 47 -9.66 -15.85 4.94
C ARG B 47 -9.43 -17.28 5.42
N ASP B 48 -9.44 -18.21 4.48
CA ASP B 48 -9.47 -19.64 4.82
C ASP B 48 -9.13 -20.48 3.62
N LYS B 49 -9.12 -21.79 3.84
CA LYS B 49 -8.70 -22.74 2.85
C LYS B 49 -9.56 -22.62 1.59
N ASP B 50 -10.86 -22.44 1.78
CA ASP B 50 -11.78 -22.30 0.67
C ASP B 50 -11.42 -21.09 -0.21
N GLU B 51 -11.12 -19.96 0.40
CA GLU B 51 -10.72 -18.81 -0.43
C GLU B 51 -9.40 -19.10 -1.16
N LEU B 52 -8.47 -19.75 -0.48
CA LEU B 52 -7.22 -20.08 -1.07
C LEU B 52 -7.39 -20.95 -2.31
N ILE B 53 -8.19 -21.99 -2.16
CA ILE B 53 -8.37 -22.91 -3.27
C ILE B 53 -9.05 -22.22 -4.43
N HIS B 54 -10.10 -21.48 -4.13
CA HIS B 54 -10.78 -20.71 -5.22
C HIS B 54 -9.93 -19.70 -5.94
N THR B 55 -9.02 -19.02 -5.22
CA THR B 55 -8.04 -18.12 -5.83
C THR B 55 -7.00 -18.86 -6.67
N GLN B 56 -6.46 -19.96 -6.13
CA GLN B 56 -5.47 -20.79 -6.86
C GLN B 56 -6.06 -21.35 -8.15
N ASN B 57 -7.34 -21.63 -8.14
CA ASN B 57 -8.06 -22.11 -9.32
CA ASN B 57 -8.02 -22.12 -9.35
C ASN B 57 -8.05 -21.10 -10.48
N LEU B 58 -7.70 -19.82 -10.20
CA LEU B 58 -7.55 -18.84 -11.24
C LEU B 58 -6.18 -18.85 -11.90
N ILE B 59 -5.24 -19.57 -11.30
CA ILE B 59 -3.89 -19.54 -11.80
C ILE B 59 -3.70 -20.69 -12.79
N ARG B 60 -3.15 -20.38 -13.99
CA ARG B 60 -2.92 -21.36 -15.09
C ARG B 60 -1.58 -22.01 -14.95
N ASP B 61 -0.53 -21.19 -14.97
CA ASP B 61 0.82 -21.69 -14.91
C ASP B 61 1.12 -22.21 -13.47
N LYS B 62 1.46 -23.48 -13.35
CA LYS B 62 1.80 -24.08 -12.05
C LYS B 62 3.14 -23.55 -11.49
N ALA B 63 3.96 -22.94 -12.31
CA ALA B 63 5.31 -22.49 -11.89
C ALA B 63 5.42 -21.08 -11.30
N ILE B 64 4.33 -20.31 -11.27
CA ILE B 64 4.48 -18.88 -11.00
C ILE B 64 4.01 -18.59 -9.59
N LEU B 65 4.75 -17.73 -8.90
CA LEU B 65 4.42 -17.34 -7.54
C LEU B 65 3.82 -15.88 -7.54
N PHE B 66 2.93 -15.63 -6.58
CA PHE B 66 2.32 -14.32 -6.38
C PHE B 66 2.41 -13.91 -4.91
N TRP B 67 2.96 -12.73 -4.67
CA TRP B 67 2.92 -12.16 -3.33
C TRP B 67 1.49 -11.93 -2.89
N ILE B 68 1.25 -12.16 -1.60
CA ILE B 68 0.01 -11.77 -0.96
C ILE B 68 0.32 -10.82 0.24
N GLY B 69 -0.71 -10.33 0.91
CA GLY B 69 -0.53 -9.28 1.92
C GLY B 69 -0.21 -9.77 3.32
N LEU B 70 0.76 -10.68 3.38
CA LEU B 70 1.13 -11.34 4.62
C LEU B 70 2.63 -11.41 4.72
N ASN B 71 3.19 -10.97 5.83
CA ASN B 71 4.65 -11.06 5.97
C ASN B 71 5.03 -11.29 7.41
N PHE B 72 6.31 -11.50 7.63
CA PHE B 72 6.77 -11.87 8.97
C PHE B 72 7.10 -10.63 9.76
N SER B 73 6.44 -10.49 10.88
CA SER B 73 6.63 -9.33 11.69
C SER B 73 7.60 -9.79 12.79
N LEU B 74 8.80 -9.21 12.81
CA LEU B 74 9.89 -9.75 13.65
C LEU B 74 9.61 -9.66 15.15
N SER B 75 9.04 -8.54 15.58
CA SER B 75 8.73 -8.35 17.02
C SER B 75 7.91 -9.45 17.63
N GLU B 76 6.89 -9.93 16.93
CA GLU B 76 5.98 -10.95 17.43
C GLU B 76 6.40 -12.32 16.94
N LYS B 77 7.39 -12.37 16.08
CA LYS B 77 7.73 -13.63 15.37
C LYS B 77 6.49 -14.30 14.82
N ASN B 78 5.61 -13.53 14.16
CA ASN B 78 4.35 -14.08 13.69
C ASN B 78 4.13 -13.53 12.29
N TRP B 79 3.43 -14.32 11.50
CA TRP B 79 2.92 -13.84 10.21
C TRP B 79 1.85 -12.80 10.50
N LYS B 80 1.90 -11.62 9.85
CA LYS B 80 0.93 -10.58 10.07
C LYS B 80 0.34 -10.06 8.72
N TRP B 81 -0.98 -9.96 8.62
CA TRP B 81 -1.64 -9.45 7.41
C TRP B 81 -1.46 -7.93 7.37
N ILE B 82 -1.51 -7.34 6.17
CA ILE B 82 -1.34 -5.91 6.11
C ILE B 82 -2.48 -5.10 6.70
N ASN B 83 -3.59 -5.77 6.98
CA ASN B 83 -4.69 -5.09 7.61
C ASN B 83 -4.56 -5.01 9.15
N GLY B 84 -3.46 -5.45 9.69
CA GLY B 84 -3.15 -5.33 11.13
C GLY B 84 -3.36 -6.61 11.90
N SER B 85 -4.07 -7.60 11.34
CA SER B 85 -4.36 -8.80 12.08
C SER B 85 -3.24 -9.80 11.91
N PHE B 86 -2.98 -10.59 12.94
CA PHE B 86 -2.02 -11.69 12.78
C PHE B 86 -2.68 -12.89 12.20
N LEU B 87 -1.87 -13.76 11.56
CA LEU B 87 -2.36 -14.99 10.97
C LEU B 87 -3.06 -15.80 12.02
N ASN B 88 -4.26 -16.24 11.67
CA ASN B 88 -5.14 -16.94 12.57
C ASN B 88 -5.73 -18.20 11.96
N SER B 89 -4.91 -19.04 11.37
CA SER B 89 -5.20 -20.51 11.33
C SER B 89 -3.96 -21.19 10.80
N ASN B 90 -4.05 -22.50 10.54
CA ASN B 90 -3.04 -23.19 9.75
C ASN B 90 -3.58 -23.58 8.37
N ASP B 91 -4.76 -23.09 8.01
CA ASP B 91 -5.39 -23.32 6.70
C ASP B 91 -4.45 -23.04 5.52
N LEU B 92 -3.47 -22.11 5.65
CA LEU B 92 -2.57 -21.83 4.52
C LEU B 92 -1.42 -22.81 4.38
N GLU B 93 -1.12 -23.61 5.41
CA GLU B 93 -0.06 -24.60 5.34
C GLU B 93 1.20 -24.05 4.70
N ILE B 94 1.68 -22.97 5.28
CA ILE B 94 2.86 -22.27 4.77
C ILE B 94 4.10 -23.15 4.77
N ARG B 95 4.72 -23.26 3.60
CA ARG B 95 5.97 -23.98 3.39
C ARG B 95 7.16 -23.07 3.60
N GLY B 96 8.20 -23.58 4.22
CA GLY B 96 9.42 -22.84 4.37
C GLY B 96 9.44 -22.16 5.72
N ASP B 97 10.46 -21.38 5.95
CA ASP B 97 10.70 -20.95 7.31
C ASP B 97 10.10 -19.61 7.62
N ALA B 98 9.72 -19.47 8.88
CA ALA B 98 9.14 -18.26 9.41
C ALA B 98 10.27 -17.58 10.07
N LYS B 99 10.82 -16.58 9.39
CA LYS B 99 12.03 -15.91 9.86
C LYS B 99 12.07 -14.49 9.31
N GLU B 100 12.99 -13.72 9.86
CA GLU B 100 13.15 -12.30 9.51
C GLU B 100 13.22 -12.08 7.98
N ASN B 101 12.52 -11.05 7.52
CA ASN B 101 12.52 -10.63 6.13
C ASN B 101 11.92 -11.65 5.21
N SER B 102 10.93 -12.41 5.70
CA SER B 102 10.19 -13.30 4.86
C SER B 102 8.79 -12.70 4.63
N CYS B 103 8.23 -13.08 3.50
CA CYS B 103 6.91 -12.63 3.05
C CYS B 103 6.27 -13.82 2.41
N ILE B 104 4.93 -13.82 2.27
CA ILE B 104 4.22 -14.99 1.81
C ILE B 104 3.76 -14.85 0.35
N SER B 105 3.97 -15.90 -0.43
CA SER B 105 3.55 -16.00 -1.82
C SER B 105 2.70 -17.24 -2.01
N ILE B 106 1.87 -17.26 -3.06
CA ILE B 106 1.08 -18.44 -3.37
C ILE B 106 1.36 -18.89 -4.79
N SER B 107 1.28 -20.21 -5.03
CA SER B 107 1.29 -20.75 -6.36
C SER B 107 -0.07 -21.40 -6.54
N GLN B 108 -0.29 -21.98 -7.73
CA GLN B 108 -1.52 -22.81 -7.93
C GLN B 108 -1.71 -23.92 -6.92
N THR B 109 -0.61 -24.47 -6.40
CA THR B 109 -0.66 -25.64 -5.52
C THR B 109 -0.29 -25.40 -4.06
N SER B 110 0.43 -24.33 -3.75
CA SER B 110 1.10 -24.21 -2.43
C SER B 110 1.20 -22.76 -1.96
N VAL B 111 1.65 -22.61 -0.72
CA VAL B 111 1.86 -21.30 -0.07
C VAL B 111 3.29 -21.37 0.46
N TYR B 112 4.11 -20.38 0.13
CA TYR B 112 5.52 -20.41 0.46
C TYR B 112 5.95 -19.14 1.19
N SER B 113 6.76 -19.30 2.22
CA SER B 113 7.63 -18.21 2.70
C SER B 113 8.77 -17.99 1.75
N GLU B 114 9.01 -16.73 1.36
CA GLU B 114 10.06 -16.33 0.47
C GLU B 114 10.71 -15.11 1.05
N TYR B 115 11.99 -14.88 0.73
CA TYR B 115 12.62 -13.61 1.12
C TYR B 115 11.86 -12.44 0.46
N CYS B 116 11.59 -11.40 1.22
CA CYS B 116 10.81 -10.25 0.75
C CYS B 116 11.43 -9.56 -0.47
N SER B 117 12.76 -9.67 -0.64
CA SER B 117 13.43 -9.04 -1.77
C SER B 117 13.29 -9.79 -3.05
N THR B 118 12.78 -11.00 -2.98
CA THR B 118 12.59 -11.81 -4.17
C THR B 118 11.60 -11.17 -5.14
N GLU B 119 11.93 -11.18 -6.42
CA GLU B 119 11.09 -10.49 -7.43
C GLU B 119 10.14 -11.43 -8.06
N ILE B 120 8.86 -11.35 -7.66
CA ILE B 120 7.82 -12.22 -8.20
C ILE B 120 6.53 -11.39 -8.49
N ARG B 121 5.52 -12.04 -9.03
CA ARG B 121 4.29 -11.34 -9.34
C ARG B 121 3.55 -11.07 -8.02
N TRP B 122 2.40 -10.39 -8.09
CA TRP B 122 1.59 -10.13 -6.85
C TRP B 122 0.16 -10.00 -7.21
N ILE B 123 -0.73 -10.11 -6.20
CA ILE B 123 -2.16 -10.06 -6.39
C ILE B 123 -2.70 -8.91 -5.52
N CYS B 124 -3.45 -8.05 -6.18
CA CYS B 124 -4.22 -7.00 -5.51
C CYS B 124 -5.69 -7.32 -5.44
N GLN B 125 -6.38 -6.82 -4.42
CA GLN B 125 -7.80 -7.04 -4.28
C GLN B 125 -8.54 -5.73 -3.96
N LYS B 126 -9.78 -5.69 -4.42
CA LYS B 126 -10.81 -4.68 -3.99
C LYS B 126 -12.04 -5.44 -3.54
N GLU B 127 -12.59 -5.07 -2.38
CA GLU B 127 -13.78 -5.73 -1.84
C GLU B 127 -15.02 -5.20 -2.47
N LEU B 128 -15.93 -6.11 -2.86
CA LEU B 128 -17.23 -5.68 -3.30
C LEU B 128 -18.11 -5.60 -2.00
#